data_4LZP
#
_entry.id   4LZP
#
_cell.length_a   68.143
_cell.length_b   73.928
_cell.length_c   137.645
_cell.angle_alpha   90.00
_cell.angle_beta   90.00
_cell.angle_gamma   90.00
#
_symmetry.space_group_name_H-M   'P 2 21 21'
#
_entity_poly.entity_id   1
_entity_poly.type   'polypeptide(L)'
_entity_poly.pdbx_seq_one_letter_code
;QAVKKVAQEQKRLSDERTKHEAFIKQSLSSMRTTASATMEAEEEYDFFISHASEDKEAFVQDLVAALRDLGAKIFYDAYT
LKVGDSLRRKIDQGLANSKFGIVVLSEHFFSKQWPARELDGLTAMEIGGQTRILPIWHKVSYDEVRRFSPSLADKVALNT
SLKSVEEIAKELHSLI
;
_entity_poly.pdbx_strand_id   B,C,A,D
#
# COMPACT_ATOMS: atom_id res chain seq x y z
N GLU A 44 27.65 4.99 8.72
CA GLU A 44 26.46 5.82 8.77
C GLU A 44 25.41 5.32 7.78
N TYR A 45 24.19 5.83 7.94
CA TYR A 45 23.03 5.50 7.12
C TYR A 45 23.03 6.28 5.80
N ASP A 46 22.28 5.79 4.82
CA ASP A 46 22.23 6.41 3.52
C ASP A 46 21.27 7.62 3.46
N PHE A 47 20.00 7.42 3.78
CA PHE A 47 19.00 8.50 3.81
C PHE A 47 18.30 8.57 5.14
N PHE A 48 17.69 9.72 5.44
CA PHE A 48 16.72 9.76 6.52
C PHE A 48 15.50 10.47 5.99
N ILE A 49 14.31 10.03 6.36
CA ILE A 49 13.11 10.61 5.79
C ILE A 49 12.13 11.10 6.84
N SER A 50 12.01 12.41 6.96
CA SER A 50 11.06 13.02 7.88
C SER A 50 9.70 13.15 7.25
N HIS A 51 8.65 13.09 8.06
CA HIS A 51 7.31 13.02 7.53
C HIS A 51 6.27 13.24 8.60
N ALA A 52 5.02 13.43 8.19
CA ALA A 52 3.93 13.52 9.14
C ALA A 52 3.51 12.12 9.55
N SER A 53 2.83 12.02 10.68
CA SER A 53 2.40 10.73 11.22
C SER A 53 1.33 10.10 10.35
N GLU A 54 0.65 10.90 9.57
CA GLU A 54 -0.46 10.41 8.77
C GLU A 54 -0.01 9.73 7.49
N ASP A 55 1.10 10.18 6.92
CA ASP A 55 1.55 9.65 5.64
C ASP A 55 2.47 8.46 5.77
N LYS A 56 2.78 8.05 7.00
CA LYS A 56 3.79 7.00 7.21
C LYS A 56 3.31 5.63 6.75
N GLU A 57 2.01 5.41 6.80
CA GLU A 57 1.48 4.10 6.45
C GLU A 57 1.09 4.07 4.97
N ALA A 58 0.85 5.25 4.41
CA ALA A 58 0.38 5.36 3.04
C ALA A 58 1.49 5.42 2.02
N PHE A 59 2.52 6.23 2.31
CA PHE A 59 3.54 6.46 1.31
C PHE A 59 4.95 6.15 1.82
N VAL A 60 5.22 6.52 3.05
CA VAL A 60 6.55 6.35 3.60
C VAL A 60 6.91 4.89 3.78
N GLN A 61 5.96 4.07 4.19
CA GLN A 61 6.25 2.66 4.36
C GLN A 61 6.57 2.00 3.02
N ASP A 62 5.95 2.51 1.97
CA ASP A 62 6.19 1.99 0.63
C ASP A 62 7.55 2.40 0.13
N LEU A 63 7.90 3.65 0.35
CA LEU A 63 9.16 4.18 -0.13
C LEU A 63 10.31 3.57 0.66
N VAL A 64 10.12 3.38 1.95
CA VAL A 64 11.17 2.79 2.75
C VAL A 64 11.34 1.34 2.34
N ALA A 65 10.24 0.72 1.92
CA ALA A 65 10.31 -0.67 1.51
C ALA A 65 11.07 -0.77 0.20
N ALA A 66 10.74 0.12 -0.72
CA ALA A 66 11.38 0.13 -2.03
C ALA A 66 12.85 0.47 -1.94
N LEU A 67 13.19 1.37 -1.04
CA LEU A 67 14.58 1.80 -0.90
C LEU A 67 15.39 0.78 -0.13
N ARG A 68 14.69 -0.06 0.64
CA ARG A 68 15.39 -1.12 1.32
C ARG A 68 15.56 -2.30 0.39
N ASP A 69 14.67 -2.44 -0.59
CA ASP A 69 14.80 -3.50 -1.57
C ASP A 69 15.94 -3.19 -2.53
N LEU A 70 16.38 -1.94 -2.56
CA LEU A 70 17.49 -1.59 -3.42
C LEU A 70 18.83 -1.67 -2.71
N GLY A 71 18.83 -2.06 -1.44
CA GLY A 71 20.10 -2.23 -0.77
C GLY A 71 20.53 -1.03 0.06
N ALA A 72 19.66 -0.02 0.14
CA ALA A 72 19.92 1.16 0.96
C ALA A 72 19.40 1.02 2.40
N LYS A 73 20.15 1.54 3.37
CA LYS A 73 19.74 1.53 4.77
C LYS A 73 19.27 2.90 5.20
N ILE A 74 17.99 3.01 5.55
CA ILE A 74 17.44 4.26 6.00
C ILE A 74 16.61 4.04 7.26
N PHE A 75 16.29 5.12 7.95
CA PHE A 75 15.47 5.03 9.15
C PHE A 75 14.45 6.16 9.21
N TYR A 76 13.22 5.80 9.57
CA TYR A 76 12.12 6.74 9.49
C TYR A 76 11.30 6.87 10.76
N ASP A 77 11.23 5.81 11.57
CA ASP A 77 10.39 5.87 12.76
C ASP A 77 10.92 6.90 13.74
N ALA A 78 12.22 7.15 13.69
CA ALA A 78 12.84 8.10 14.60
C ALA A 78 12.66 9.55 14.16
N TYR A 79 12.30 9.75 12.90
CA TYR A 79 12.15 11.10 12.33
C TYR A 79 10.74 11.41 11.89
N THR A 80 9.77 10.81 12.56
CA THR A 80 8.41 11.26 12.38
C THR A 80 8.14 12.44 13.31
N LEU A 81 7.62 13.52 12.76
CA LEU A 81 7.49 14.76 13.51
C LEU A 81 6.11 14.98 14.09
N LYS A 82 6.09 15.49 15.31
CA LYS A 82 4.88 15.92 16.00
C LYS A 82 4.62 17.39 15.74
N VAL A 83 3.40 17.85 16.02
CA VAL A 83 3.00 19.20 15.69
C VAL A 83 3.88 20.26 16.35
N GLY A 84 4.50 19.91 17.45
CA GLY A 84 5.37 20.84 18.14
C GLY A 84 6.81 20.44 18.01
N ASP A 85 7.44 20.84 16.91
CA ASP A 85 8.83 20.47 16.64
C ASP A 85 9.59 21.58 15.92
N SER A 86 10.91 21.48 15.97
CA SER A 86 11.78 22.39 15.23
C SER A 86 12.31 21.70 13.99
N LEU A 87 11.81 22.12 12.84
CA LEU A 87 12.15 21.49 11.57
C LEU A 87 13.64 21.58 11.29
N ARG A 88 14.20 22.73 11.61
CA ARG A 88 15.57 23.01 11.27
C ARG A 88 16.52 22.19 12.13
N ARG A 89 16.16 21.96 13.37
CA ARG A 89 17.02 21.18 14.24
C ARG A 89 16.85 19.70 13.96
N LYS A 90 15.65 19.31 13.53
CA LYS A 90 15.36 17.90 13.29
C LYS A 90 16.12 17.43 12.08
N ILE A 91 16.24 18.30 11.10
CA ILE A 91 16.96 17.91 9.91
C ILE A 91 18.44 17.95 10.27
N ASP A 92 18.82 18.81 11.21
CA ASP A 92 20.22 18.86 11.60
C ASP A 92 20.62 17.60 12.32
N GLN A 93 19.67 16.98 13.01
CA GLN A 93 19.95 15.67 13.59
C GLN A 93 20.01 14.63 12.51
N GLY A 94 19.27 14.88 11.43
CA GLY A 94 19.22 13.90 10.38
C GLY A 94 20.44 13.85 9.48
N LEU A 95 21.02 15.01 9.19
CA LEU A 95 22.20 15.05 8.34
C LEU A 95 23.45 14.56 9.06
N ALA A 96 23.34 14.25 10.35
CA ALA A 96 24.49 13.78 11.11
C ALA A 96 24.63 12.25 11.16
N ASN A 97 23.50 11.55 11.15
CA ASN A 97 23.52 10.09 11.20
C ASN A 97 23.27 9.46 9.83
N SER A 98 23.13 10.32 8.83
CA SER A 98 22.92 9.87 7.47
C SER A 98 23.51 10.88 6.49
N LYS A 99 23.58 10.48 5.23
CA LYS A 99 24.21 11.32 4.21
C LYS A 99 23.24 12.30 3.57
N PHE A 100 22.06 11.82 3.21
CA PHE A 100 21.05 12.68 2.61
C PHE A 100 19.75 12.69 3.39
N GLY A 101 18.96 13.73 3.15
CA GLY A 101 17.70 13.90 3.85
C GLY A 101 16.51 14.13 2.95
N ILE A 102 15.40 13.54 3.34
CA ILE A 102 14.17 13.59 2.58
C ILE A 102 13.01 14.20 3.37
N VAL A 103 12.36 15.16 2.75
CA VAL A 103 11.18 15.76 3.32
C VAL A 103 10.03 15.51 2.38
N VAL A 104 8.94 14.97 2.91
CA VAL A 104 7.78 14.71 2.08
C VAL A 104 6.77 15.80 2.36
N LEU A 105 6.40 16.50 1.30
CA LEU A 105 5.53 17.66 1.40
C LEU A 105 4.10 17.28 1.06
N SER A 106 3.27 17.09 2.07
CA SER A 106 1.88 16.72 1.85
C SER A 106 0.94 17.61 2.64
N GLU A 107 -0.35 17.42 2.45
CA GLU A 107 -1.37 18.18 3.16
C GLU A 107 -1.23 17.99 4.66
N HIS A 108 -0.84 16.79 5.07
CA HIS A 108 -0.68 16.51 6.49
C HIS A 108 0.60 17.15 7.01
N PHE A 109 1.59 17.29 6.14
CA PHE A 109 2.83 17.93 6.53
C PHE A 109 2.61 19.41 6.76
N PHE A 110 1.80 20.01 5.90
CA PHE A 110 1.52 21.43 5.99
C PHE A 110 0.47 21.73 7.05
N SER A 111 -0.34 20.74 7.39
CA SER A 111 -1.35 20.92 8.42
C SER A 111 -0.68 21.24 9.73
N LYS A 112 0.55 20.78 9.88
CA LYS A 112 1.40 21.20 10.98
C LYS A 112 1.88 22.58 10.59
N GLN A 113 1.40 23.61 11.26
CA GLN A 113 1.77 24.96 10.88
C GLN A 113 3.20 25.35 11.23
N TRP A 114 4.15 24.95 10.38
CA TRP A 114 5.53 25.31 10.59
C TRP A 114 5.72 26.78 10.35
N PRO A 115 6.75 27.37 10.98
CA PRO A 115 7.14 28.75 10.72
C PRO A 115 7.54 28.95 9.27
N ALA A 116 7.35 30.15 8.75
CA ALA A 116 7.63 30.41 7.35
C ALA A 116 9.11 30.35 7.12
N ARG A 117 9.86 30.83 8.10
CA ARG A 117 11.30 30.86 8.04
C ARG A 117 11.90 29.47 8.01
N GLU A 118 11.14 28.48 8.44
CA GLU A 118 11.65 27.12 8.50
C GLU A 118 11.31 26.33 7.25
N LEU A 119 10.30 26.77 6.52
CA LEU A 119 10.02 26.18 5.22
C LEU A 119 10.87 26.83 4.16
N ASP A 120 11.02 28.14 4.23
CA ASP A 120 11.87 28.84 3.28
C ASP A 120 13.34 28.51 3.49
N GLY A 121 13.64 27.89 4.61
CA GLY A 121 15.00 27.52 4.98
C GLY A 121 15.31 26.10 4.57
N LEU A 122 14.28 25.39 4.13
CA LEU A 122 14.44 24.04 3.62
C LEU A 122 15.27 24.14 2.36
N THR A 123 15.08 25.24 1.64
CA THR A 123 15.78 25.50 0.40
C THR A 123 17.29 25.71 0.55
N ALA A 124 17.70 26.31 1.65
CA ALA A 124 19.09 26.69 1.81
C ALA A 124 19.72 26.24 3.13
N GLY A 129 23.25 28.96 -0.50
CA GLY A 129 23.86 27.95 0.36
C GLY A 129 23.79 26.55 -0.25
N GLN A 130 24.79 25.74 0.07
CA GLN A 130 24.86 24.33 -0.33
C GLN A 130 23.66 23.57 0.20
N THR A 131 23.09 22.68 -0.62
CA THR A 131 21.90 21.95 -0.19
C THR A 131 22.05 20.43 -0.24
N ARG A 132 21.77 19.80 0.89
CA ARG A 132 21.83 18.35 1.03
C ARG A 132 20.46 17.70 1.28
N ILE A 133 19.39 18.48 1.15
CA ILE A 133 18.05 17.96 1.46
C ILE A 133 17.23 17.84 0.19
N LEU A 134 16.42 16.80 0.10
CA LEU A 134 15.60 16.53 -1.06
C LEU A 134 14.12 16.40 -0.72
N PRO A 135 13.33 17.40 -1.12
CA PRO A 135 11.90 17.43 -0.87
C PRO A 135 11.15 16.53 -1.84
N ILE A 136 10.06 15.94 -1.39
CA ILE A 136 9.23 15.12 -2.26
C ILE A 136 7.78 15.54 -2.17
N TRP A 137 7.23 15.98 -3.30
CA TRP A 137 5.85 16.42 -3.34
C TRP A 137 4.92 15.24 -3.47
N HIS A 138 3.99 15.11 -2.53
CA HIS A 138 3.04 14.03 -2.56
C HIS A 138 1.61 14.50 -2.40
N LYS A 139 0.84 14.39 -3.47
CA LYS A 139 -0.57 14.74 -3.47
C LYS A 139 -0.84 16.12 -2.90
N VAL A 140 -0.15 17.12 -3.44
CA VAL A 140 -0.33 18.46 -2.97
C VAL A 140 -0.40 19.38 -4.18
N SER A 141 -1.12 20.49 -4.05
CA SER A 141 -1.29 21.42 -5.14
C SER A 141 -0.26 22.54 -5.07
N TYR A 142 0.09 23.09 -6.23
CA TYR A 142 1.06 24.17 -6.31
C TYR A 142 0.63 25.39 -5.54
N ASP A 143 -0.59 25.83 -5.76
CA ASP A 143 -1.08 27.03 -5.13
C ASP A 143 -1.16 26.90 -3.63
N GLU A 144 -1.46 25.69 -3.16
CA GLU A 144 -1.61 25.48 -1.73
C GLU A 144 -0.27 25.31 -1.03
N VAL A 145 0.79 25.11 -1.81
CA VAL A 145 2.12 25.12 -1.23
C VAL A 145 2.55 26.57 -1.08
N ARG A 146 2.15 27.38 -2.06
CA ARG A 146 2.47 28.81 -2.05
C ARG A 146 1.91 29.50 -0.83
N ARG A 147 0.84 28.94 -0.31
CA ARG A 147 0.18 29.49 0.84
C ARG A 147 1.12 29.43 2.02
N PHE A 148 1.95 28.40 2.03
CA PHE A 148 2.90 28.22 3.12
C PHE A 148 4.28 28.74 2.79
N SER A 149 4.72 28.56 1.55
CA SER A 149 6.04 29.01 1.13
C SER A 149 6.19 29.07 -0.38
N PRO A 150 6.20 30.28 -0.95
CA PRO A 150 6.35 30.43 -2.39
C PRO A 150 7.72 30.00 -2.89
N SER A 151 8.72 30.19 -2.06
CA SER A 151 10.08 29.84 -2.42
C SER A 151 10.23 28.35 -2.52
N LEU A 152 9.46 27.64 -1.72
CA LEU A 152 9.49 26.20 -1.75
C LEU A 152 8.67 25.69 -2.93
N ALA A 153 7.70 26.49 -3.34
CA ALA A 153 6.83 26.08 -4.44
C ALA A 153 7.51 26.26 -5.78
N ASP A 154 8.35 27.27 -5.92
CA ASP A 154 9.02 27.48 -7.20
C ASP A 154 10.18 26.50 -7.37
N LYS A 155 10.77 26.05 -6.27
CA LYS A 155 11.83 25.07 -6.37
C LYS A 155 11.31 23.72 -6.86
N VAL A 156 11.90 23.21 -7.93
CA VAL A 156 11.49 21.91 -8.43
C VAL A 156 11.96 20.79 -7.50
N ALA A 157 11.17 19.73 -7.39
CA ALA A 157 11.46 18.63 -6.49
C ALA A 157 10.92 17.35 -7.10
N LEU A 158 11.11 16.23 -6.41
CA LEU A 158 10.53 14.97 -6.82
C LEU A 158 9.02 15.06 -6.67
N ASN A 159 8.28 14.60 -7.68
CA ASN A 159 6.83 14.68 -7.62
C ASN A 159 6.21 13.34 -7.86
N THR A 160 5.42 12.86 -6.91
CA THR A 160 4.82 11.54 -6.99
C THR A 160 3.72 11.44 -8.03
N SER A 161 3.36 12.57 -8.61
CA SER A 161 2.37 12.59 -9.68
C SER A 161 3.05 12.37 -11.01
N LEU A 162 4.37 12.35 -10.99
CA LEU A 162 5.15 12.16 -12.22
C LEU A 162 5.81 10.80 -12.29
N LYS A 163 6.34 10.36 -11.16
CA LYS A 163 7.07 9.11 -11.14
C LYS A 163 6.43 8.14 -10.18
N SER A 164 6.75 6.86 -10.32
CA SER A 164 6.27 5.86 -9.40
C SER A 164 7.19 5.75 -8.20
N VAL A 165 6.71 5.12 -7.14
CA VAL A 165 7.49 4.94 -5.92
C VAL A 165 8.75 4.15 -6.17
N GLU A 166 8.65 3.17 -7.06
CA GLU A 166 9.80 2.40 -7.46
C GLU A 166 10.74 3.25 -8.29
N GLU A 167 10.15 4.16 -9.07
CA GLU A 167 10.95 5.02 -9.93
C GLU A 167 11.62 6.09 -9.10
N ILE A 168 10.89 6.60 -8.13
CA ILE A 168 11.46 7.61 -7.24
C ILE A 168 12.57 6.97 -6.43
N ALA A 169 12.36 5.71 -6.05
CA ALA A 169 13.36 4.97 -5.29
C ALA A 169 14.64 4.79 -6.08
N LYS A 170 14.51 4.45 -7.35
CA LYS A 170 15.68 4.28 -8.18
C LYS A 170 16.39 5.61 -8.37
N GLU A 171 15.59 6.65 -8.52
CA GLU A 171 16.11 7.96 -8.83
C GLU A 171 16.81 8.53 -7.62
N LEU A 172 16.41 8.07 -6.46
CA LEU A 172 17.07 8.46 -5.23
C LEU A 172 18.31 7.62 -5.01
N HIS A 173 18.25 6.37 -5.43
CA HIS A 173 19.38 5.48 -5.26
C HIS A 173 20.53 5.91 -6.14
N SER A 174 20.24 6.74 -7.14
CA SER A 174 21.31 7.20 -8.01
C SER A 174 22.29 8.10 -7.26
N LEU A 175 21.87 8.63 -6.13
CA LEU A 175 22.75 9.44 -5.30
C LEU A 175 23.53 8.60 -4.31
N ILE A 176 23.34 7.29 -4.37
CA ILE A 176 23.90 6.29 -3.46
C ILE A 176 23.52 6.53 -2.00
N GLN B 1 -30.96 -12.43 4.93
CA GLN B 1 -30.59 -11.97 3.59
C GLN B 1 -29.15 -12.39 3.28
N ALA B 2 -28.70 -12.11 2.06
CA ALA B 2 -27.36 -12.48 1.64
C ALA B 2 -26.26 -11.62 2.26
N VAL B 3 -26.56 -10.33 2.43
CA VAL B 3 -25.59 -9.42 3.02
C VAL B 3 -25.64 -9.47 4.54
N LYS B 4 -26.82 -9.81 5.04
CA LYS B 4 -27.10 -9.81 6.46
C LYS B 4 -26.29 -10.83 7.22
N LYS B 5 -26.06 -11.97 6.58
CA LYS B 5 -25.30 -13.04 7.21
C LYS B 5 -23.80 -12.73 7.21
N VAL B 6 -23.36 -12.12 6.12
CA VAL B 6 -21.96 -11.77 5.99
C VAL B 6 -21.60 -10.72 7.03
N ALA B 7 -22.52 -9.81 7.33
CA ALA B 7 -22.22 -8.82 8.35
C ALA B 7 -21.97 -9.45 9.72
N GLN B 8 -22.77 -10.44 10.07
CA GLN B 8 -22.59 -11.12 11.35
C GLN B 8 -21.30 -11.91 11.38
N GLU B 9 -20.96 -12.52 10.25
CA GLU B 9 -19.73 -13.30 10.22
C GLU B 9 -18.53 -12.41 10.34
N GLN B 10 -18.62 -11.27 9.67
CA GLN B 10 -17.55 -10.30 9.67
C GLN B 10 -17.33 -9.79 11.09
N LYS B 11 -18.44 -9.54 11.79
CA LYS B 11 -18.37 -9.08 13.17
C LYS B 11 -17.67 -10.10 14.03
N ARG B 12 -17.95 -11.36 13.77
CA ARG B 12 -17.31 -12.41 14.55
C ARG B 12 -15.81 -12.50 14.27
N LEU B 13 -15.43 -12.38 13.01
CA LEU B 13 -14.02 -12.47 12.67
C LEU B 13 -13.23 -11.32 13.24
N SER B 14 -13.86 -10.16 13.29
CA SER B 14 -13.18 -8.98 13.78
C SER B 14 -12.97 -9.13 15.27
N ASP B 15 -13.98 -9.66 15.95
CA ASP B 15 -13.84 -9.85 17.38
C ASP B 15 -12.71 -10.83 17.67
N GLU B 16 -12.62 -11.87 16.86
CA GLU B 16 -11.55 -12.83 17.06
C GLU B 16 -10.19 -12.16 16.89
N ARG B 17 -10.13 -11.21 15.96
CA ARG B 17 -8.87 -10.50 15.73
C ARG B 17 -8.49 -9.62 16.92
N THR B 18 -9.51 -9.02 17.54
CA THR B 18 -9.24 -8.17 18.68
C THR B 18 -8.78 -8.96 19.88
N LYS B 19 -9.44 -10.09 20.13
CA LYS B 19 -9.06 -10.92 21.26
C LYS B 19 -7.65 -11.44 21.08
N HIS B 20 -7.28 -11.75 19.84
CA HIS B 20 -5.95 -12.26 19.55
C HIS B 20 -4.90 -11.20 19.79
N GLU B 21 -5.19 -10.00 19.32
CA GLU B 21 -4.24 -8.91 19.45
C GLU B 21 -3.99 -8.64 20.92
N ALA B 22 -5.06 -8.71 21.70
CA ALA B 22 -4.95 -8.47 23.13
C ALA B 22 -4.14 -9.58 23.79
N PHE B 23 -4.34 -10.83 23.36
CA PHE B 23 -3.62 -11.93 23.97
C PHE B 23 -2.13 -11.78 23.79
N ILE B 24 -1.70 -11.49 22.56
CA ILE B 24 -0.26 -11.39 22.33
C ILE B 24 0.35 -10.18 23.02
N LYS B 25 -0.41 -9.09 23.13
CA LYS B 25 0.15 -7.92 23.81
C LYS B 25 0.23 -8.16 25.32
N GLN B 26 -0.75 -8.90 25.85
CA GLN B 26 -0.80 -9.19 27.28
C GLN B 26 0.27 -10.19 27.67
N SER B 27 0.75 -10.97 26.70
CA SER B 27 1.85 -11.88 27.00
C SER B 27 3.16 -11.13 26.96
N LEU B 28 3.24 -10.17 26.03
CA LEU B 28 4.46 -9.42 25.87
C LEU B 28 4.70 -8.55 27.10
N SER B 29 3.62 -8.06 27.69
CA SER B 29 3.75 -7.23 28.88
C SER B 29 4.26 -8.02 30.07
N SER B 30 3.90 -9.29 30.14
CA SER B 30 4.39 -10.12 31.23
C SER B 30 5.84 -10.47 31.01
N MET B 31 6.28 -10.45 29.75
CA MET B 31 7.68 -10.74 29.48
C MET B 31 8.53 -9.53 29.80
N ARG B 32 7.95 -8.35 29.64
CA ARG B 32 8.67 -7.13 29.93
C ARG B 32 8.97 -6.97 31.42
N THR B 33 8.03 -7.34 32.26
CA THR B 33 8.23 -7.23 33.71
C THR B 33 9.33 -8.15 34.21
N THR B 34 10.57 -7.67 34.15
CA THR B 34 11.73 -8.43 34.60
C THR B 34 12.97 -7.56 34.69
N GLU B 42 21.92 -9.15 33.30
CA GLU B 42 21.62 -8.25 32.21
C GLU B 42 22.49 -8.54 30.99
N GLU B 43 21.85 -8.63 29.82
CA GLU B 43 22.54 -8.88 28.56
C GLU B 43 22.92 -7.61 27.81
N GLU B 44 23.71 -7.76 26.75
CA GLU B 44 24.12 -6.62 25.95
C GLU B 44 23.29 -6.47 24.70
N TYR B 45 23.18 -7.55 23.92
CA TYR B 45 22.39 -7.51 22.71
C TYR B 45 20.93 -7.77 23.03
N ASP B 46 20.06 -7.40 22.11
CA ASP B 46 18.64 -7.46 22.38
C ASP B 46 17.94 -8.73 21.93
N PHE B 47 18.01 -9.01 20.65
CA PHE B 47 17.34 -10.18 20.08
C PHE B 47 18.28 -11.01 19.25
N PHE B 48 17.97 -12.28 19.10
CA PHE B 48 18.63 -13.07 18.07
C PHE B 48 17.59 -13.78 17.26
N ILE B 49 17.87 -14.04 15.99
CA ILE B 49 16.86 -14.63 15.12
C ILE B 49 17.30 -15.92 14.47
N SER B 50 16.75 -17.03 14.97
CA SER B 50 16.99 -18.32 14.37
C SER B 50 15.99 -18.53 13.24
N HIS B 51 16.52 -18.92 12.08
CA HIS B 51 15.73 -19.02 10.87
C HIS B 51 16.29 -20.07 9.93
N ALA B 52 15.57 -20.31 8.85
CA ALA B 52 16.01 -21.21 7.79
C ALA B 52 16.80 -20.44 6.75
N SER B 53 17.49 -21.17 5.88
CA SER B 53 18.33 -20.56 4.85
C SER B 53 17.57 -19.81 3.78
N GLU B 54 16.37 -20.28 3.45
CA GLU B 54 15.62 -19.68 2.37
C GLU B 54 14.87 -18.42 2.83
N ASP B 55 14.66 -18.32 4.12
CA ASP B 55 13.90 -17.21 4.71
C ASP B 55 14.75 -15.99 4.99
N LYS B 56 16.07 -16.15 4.94
CA LYS B 56 16.99 -15.09 5.34
C LYS B 56 16.80 -13.81 4.54
N GLU B 57 16.55 -13.93 3.25
CA GLU B 57 16.43 -12.74 2.40
C GLU B 57 15.04 -12.15 2.38
N ALA B 58 14.03 -12.98 2.57
CA ALA B 58 12.65 -12.55 2.42
C ALA B 58 12.12 -11.75 3.60
N PHE B 59 12.20 -12.34 4.78
CA PHE B 59 11.56 -11.76 5.96
C PHE B 59 12.55 -11.34 7.01
N VAL B 60 13.59 -12.15 7.20
CA VAL B 60 14.57 -11.87 8.21
C VAL B 60 15.26 -10.54 7.96
N GLN B 61 15.53 -10.27 6.70
CA GLN B 61 16.16 -9.02 6.31
C GLN B 61 15.25 -7.82 6.62
N ASP B 62 13.95 -8.01 6.42
CA ASP B 62 12.98 -6.95 6.65
C ASP B 62 12.84 -6.68 8.12
N LEU B 63 12.95 -7.76 8.88
CA LEU B 63 12.75 -7.69 10.30
C LEU B 63 13.94 -7.04 10.95
N VAL B 64 15.13 -7.38 10.48
CA VAL B 64 16.31 -6.77 11.08
C VAL B 64 16.44 -5.33 10.66
N ALA B 65 15.93 -4.97 9.49
CA ALA B 65 15.99 -3.57 9.11
C ALA B 65 15.00 -2.79 9.95
N ALA B 66 13.88 -3.42 10.27
CA ALA B 66 12.86 -2.74 11.02
C ALA B 66 13.29 -2.57 12.47
N LEU B 67 13.91 -3.60 13.01
CA LEU B 67 14.35 -3.57 14.39
C LEU B 67 15.51 -2.62 14.57
N ARG B 68 16.43 -2.62 13.62
CA ARG B 68 17.57 -1.73 13.72
C ARG B 68 17.14 -0.29 13.52
N ASP B 69 16.01 -0.10 12.87
CA ASP B 69 15.45 1.24 12.71
C ASP B 69 14.99 1.77 14.04
N LEU B 70 14.42 0.92 14.86
CA LEU B 70 13.87 1.32 16.15
C LEU B 70 14.91 1.54 17.25
N GLY B 71 16.15 1.15 16.96
CA GLY B 71 17.26 1.31 17.90
C GLY B 71 17.66 0.05 18.64
N ALA B 72 17.39 -1.09 18.02
CA ALA B 72 17.69 -2.39 18.60
C ALA B 72 19.00 -2.96 18.06
N LYS B 73 19.72 -3.71 18.89
CA LYS B 73 20.93 -4.39 18.46
C LYS B 73 20.65 -5.86 18.26
N ILE B 74 20.66 -6.28 17.00
CA ILE B 74 20.47 -7.69 16.65
C ILE B 74 21.39 -8.17 15.56
N PHE B 75 21.52 -9.48 15.44
CA PHE B 75 22.21 -10.05 14.29
C PHE B 75 21.75 -11.48 14.03
N TYR B 76 21.58 -11.80 12.76
CA TYR B 76 21.00 -13.06 12.34
C TYR B 76 21.87 -14.11 11.62
N ASP B 77 23.06 -13.74 11.16
CA ASP B 77 23.82 -14.67 10.31
C ASP B 77 24.39 -15.89 10.99
N ALA B 78 24.66 -15.77 12.29
CA ALA B 78 25.24 -16.86 13.05
C ALA B 78 24.23 -17.98 13.23
N TYR B 79 22.97 -17.60 13.34
CA TYR B 79 21.93 -18.51 13.76
C TYR B 79 21.12 -19.05 12.59
N THR B 80 21.76 -19.23 11.45
CA THR B 80 21.07 -19.86 10.34
C THR B 80 21.18 -21.36 10.55
N LEU B 81 20.04 -21.99 10.72
CA LEU B 81 19.99 -23.38 11.13
C LEU B 81 20.30 -24.32 9.99
N LYS B 82 21.15 -25.28 10.30
CA LYS B 82 21.60 -26.27 9.35
C LYS B 82 20.54 -27.32 9.11
N VAL B 83 20.78 -28.17 8.12
CA VAL B 83 19.84 -29.20 7.74
C VAL B 83 19.72 -30.27 8.81
N GLY B 84 20.72 -30.38 9.67
CA GLY B 84 20.66 -31.38 10.71
C GLY B 84 21.36 -31.10 12.01
N ASP B 85 20.70 -30.34 12.89
CA ASP B 85 21.30 -29.89 14.13
C ASP B 85 20.26 -29.80 15.25
N SER B 86 20.73 -29.78 16.50
CA SER B 86 19.83 -29.70 17.65
C SER B 86 19.25 -28.31 17.83
N LEU B 87 17.98 -28.24 18.22
CA LEU B 87 17.30 -26.96 18.39
C LEU B 87 17.51 -26.32 19.75
N ARG B 88 17.85 -27.14 20.75
CA ARG B 88 18.02 -26.67 22.12
C ARG B 88 19.27 -25.85 22.29
N ARG B 89 20.37 -26.37 21.74
CA ARG B 89 21.66 -25.75 21.97
C ARG B 89 21.77 -24.46 21.20
N LYS B 90 21.01 -24.36 20.13
CA LYS B 90 21.10 -23.21 19.27
C LYS B 90 20.38 -22.04 19.88
N ILE B 91 19.35 -22.31 20.68
CA ILE B 91 18.62 -21.23 21.30
C ILE B 91 19.23 -20.86 22.63
N ASP B 92 19.90 -21.80 23.27
CA ASP B 92 20.55 -21.39 24.50
C ASP B 92 21.79 -20.60 24.13
N GLN B 93 22.36 -20.91 22.98
CA GLN B 93 23.57 -20.26 22.51
C GLN B 93 23.35 -18.78 22.24
N GLY B 94 22.14 -18.44 21.82
CA GLY B 94 21.81 -17.05 21.60
C GLY B 94 21.27 -16.41 22.86
N LEU B 95 20.59 -17.21 23.68
CA LEU B 95 20.00 -16.66 24.89
C LEU B 95 21.04 -16.25 25.92
N ALA B 96 22.26 -16.76 25.80
CA ALA B 96 23.31 -16.36 26.73
C ALA B 96 23.88 -15.00 26.36
N ASN B 97 23.72 -14.59 25.11
CA ASN B 97 24.30 -13.36 24.62
C ASN B 97 23.26 -12.25 24.47
N SER B 98 22.04 -12.66 24.11
CA SER B 98 20.95 -11.74 23.86
C SER B 98 19.91 -11.79 24.96
N LYS B 99 19.07 -10.76 25.05
CA LYS B 99 18.00 -10.75 26.03
C LYS B 99 16.88 -11.69 25.61
N PHE B 100 16.46 -11.58 24.35
CA PHE B 100 15.41 -12.45 23.85
C PHE B 100 15.77 -13.12 22.53
N GLY B 101 14.93 -14.08 22.15
CA GLY B 101 15.16 -14.84 20.94
C GLY B 101 13.91 -15.09 20.13
N ILE B 102 14.08 -15.02 18.83
CA ILE B 102 13.02 -15.15 17.87
C ILE B 102 13.26 -16.36 16.99
N VAL B 103 12.24 -17.18 16.85
CA VAL B 103 12.28 -18.30 15.95
C VAL B 103 11.23 -18.00 14.89
N VAL B 104 11.62 -18.03 13.63
CA VAL B 104 10.66 -17.78 12.59
C VAL B 104 10.16 -19.10 12.10
N LEU B 105 8.89 -19.36 12.35
CA LEU B 105 8.24 -20.57 11.86
C LEU B 105 7.66 -20.38 10.49
N SER B 106 8.24 -21.07 9.52
CA SER B 106 7.81 -21.01 8.13
C SER B 106 7.77 -22.40 7.53
N GLU B 107 7.34 -22.50 6.27
CA GLU B 107 7.30 -23.77 5.57
C GLU B 107 8.70 -24.33 5.43
N HIS B 108 9.64 -23.42 5.20
CA HIS B 108 11.04 -23.80 5.04
C HIS B 108 11.59 -24.20 6.38
N PHE B 109 11.00 -23.67 7.44
CA PHE B 109 11.48 -24.01 8.75
C PHE B 109 11.05 -25.44 9.03
N PHE B 110 9.84 -25.81 8.68
CA PHE B 110 9.44 -27.16 9.01
C PHE B 110 10.00 -28.17 8.01
N SER B 111 10.52 -27.71 6.87
CA SER B 111 11.05 -28.65 5.90
C SER B 111 12.30 -29.40 6.39
N LYS B 112 12.99 -28.85 7.38
CA LYS B 112 14.06 -29.56 8.05
C LYS B 112 13.42 -30.48 9.08
N GLN B 113 14.06 -31.61 9.35
CA GLN B 113 13.52 -32.54 10.34
C GLN B 113 13.91 -32.29 11.79
N TRP B 114 13.06 -31.61 12.57
CA TRP B 114 13.36 -31.46 13.99
C TRP B 114 12.58 -32.49 14.81
N PRO B 115 13.24 -33.09 15.80
CA PRO B 115 12.59 -34.05 16.68
C PRO B 115 11.42 -33.42 17.41
N ALA B 116 10.36 -34.18 17.61
CA ALA B 116 9.13 -33.69 18.19
C ALA B 116 9.33 -33.09 19.57
N ARG B 117 10.27 -33.64 20.33
CA ARG B 117 10.51 -33.18 21.68
C ARG B 117 11.05 -31.76 21.69
N GLU B 118 11.78 -31.40 20.63
CA GLU B 118 12.37 -30.08 20.56
C GLU B 118 11.29 -29.03 20.31
N LEU B 119 10.41 -29.32 19.37
CA LEU B 119 9.33 -28.41 19.03
C LEU B 119 8.32 -28.34 20.15
N ASP B 120 8.12 -29.46 20.84
CA ASP B 120 7.20 -29.48 21.97
C ASP B 120 7.76 -28.74 23.15
N GLY B 121 9.08 -28.73 23.26
CA GLY B 121 9.74 -28.08 24.38
C GLY B 121 10.06 -26.63 24.09
N LEU B 122 9.82 -26.22 22.85
CA LEU B 122 10.04 -24.84 22.46
C LEU B 122 9.05 -23.96 23.19
N THR B 123 7.90 -24.54 23.50
CA THR B 123 6.83 -23.84 24.19
C THR B 123 7.28 -23.46 25.60
N GLN B 130 9.44 -16.04 32.76
CA GLN B 130 9.49 -17.47 32.50
C GLN B 130 10.19 -17.76 31.18
N THR B 131 9.65 -17.23 30.09
CA THR B 131 10.21 -17.53 28.78
C THR B 131 10.85 -16.35 28.08
N ARG B 132 11.83 -16.65 27.23
CA ARG B 132 12.53 -15.63 26.48
C ARG B 132 12.47 -15.88 24.98
N ILE B 133 11.77 -16.94 24.59
CA ILE B 133 11.69 -17.31 23.17
C ILE B 133 10.36 -16.89 22.57
N LEU B 134 10.43 -16.32 21.36
CA LEU B 134 9.24 -15.83 20.67
C LEU B 134 9.15 -16.36 19.25
N PRO B 135 8.21 -17.28 19.00
CA PRO B 135 7.97 -17.79 17.65
C PRO B 135 7.13 -16.86 16.81
N ILE B 136 7.47 -16.77 15.53
CA ILE B 136 6.72 -15.97 14.59
C ILE B 136 6.26 -16.81 13.42
N TRP B 137 4.96 -16.96 13.25
CA TRP B 137 4.42 -17.75 12.15
C TRP B 137 4.56 -16.96 10.86
N HIS B 138 5.29 -17.52 9.91
CA HIS B 138 5.48 -16.85 8.62
C HIS B 138 5.00 -17.71 7.48
N LYS B 139 3.86 -17.33 6.92
CA LYS B 139 3.28 -18.04 5.78
C LYS B 139 3.11 -19.53 6.03
N VAL B 140 2.40 -19.87 7.09
CA VAL B 140 2.09 -21.27 7.39
C VAL B 140 0.62 -21.42 7.72
N SER B 141 0.12 -22.63 7.55
CA SER B 141 -1.26 -22.93 7.91
C SER B 141 -1.32 -23.61 9.26
N TYR B 142 -2.49 -23.56 9.88
CA TYR B 142 -2.65 -24.16 11.20
C TYR B 142 -2.54 -25.66 11.17
N ASP B 143 -3.12 -26.28 10.15
CA ASP B 143 -3.13 -27.72 10.06
C ASP B 143 -1.74 -28.30 9.88
N GLU B 144 -0.93 -27.64 9.07
CA GLU B 144 0.39 -28.16 8.77
C GLU B 144 1.26 -28.01 9.99
N VAL B 145 1.10 -26.92 10.73
CA VAL B 145 1.86 -26.75 11.94
C VAL B 145 1.39 -27.75 12.98
N ARG B 146 0.10 -28.08 12.96
CA ARG B 146 -0.43 -29.04 13.91
C ARG B 146 0.12 -30.41 13.65
N ARG B 147 0.47 -30.67 12.40
CA ARG B 147 1.02 -31.97 12.06
C ARG B 147 2.38 -32.22 12.66
N PHE B 148 3.26 -31.22 12.60
CA PHE B 148 4.60 -31.37 13.15
C PHE B 148 4.59 -31.39 14.68
N SER B 149 3.81 -30.51 15.27
CA SER B 149 3.72 -30.44 16.72
C SER B 149 2.44 -29.73 17.14
N PRO B 150 1.44 -30.48 17.60
CA PRO B 150 0.14 -29.93 17.97
C PRO B 150 0.23 -28.98 19.15
N SER B 151 1.25 -29.17 19.99
CA SER B 151 1.41 -28.36 21.17
C SER B 151 1.89 -26.99 20.77
N LEU B 152 2.77 -26.95 19.78
CA LEU B 152 3.26 -25.71 19.26
C LEU B 152 2.16 -24.96 18.53
N ALA B 153 1.24 -25.71 17.95
CA ALA B 153 0.16 -25.11 17.20
C ALA B 153 -0.91 -24.53 18.10
N ASP B 154 -1.08 -25.10 19.28
CA ASP B 154 -2.14 -24.60 20.15
C ASP B 154 -1.80 -23.26 20.79
N LYS B 155 -0.55 -23.04 21.14
CA LYS B 155 -0.19 -21.79 21.81
C LYS B 155 -0.26 -20.62 20.85
N VAL B 156 -0.35 -19.42 21.42
CA VAL B 156 -0.48 -18.22 20.63
C VAL B 156 0.89 -17.63 20.33
N ALA B 157 1.01 -16.99 19.18
CA ALA B 157 2.26 -16.39 18.79
C ALA B 157 2.01 -15.29 17.78
N LEU B 158 3.08 -14.56 17.50
CA LEU B 158 3.04 -13.49 16.53
C LEU B 158 2.85 -14.05 15.15
N ASN B 159 2.08 -13.35 14.33
CA ASN B 159 1.77 -13.81 12.99
C ASN B 159 2.06 -12.76 11.95
N THR B 160 2.67 -13.16 10.83
CA THR B 160 3.01 -12.23 9.77
C THR B 160 1.82 -11.97 8.86
N SER B 161 0.72 -12.66 9.12
CA SER B 161 -0.49 -12.50 8.35
C SER B 161 -1.43 -11.51 9.01
N LEU B 162 -1.15 -11.22 10.27
CA LEU B 162 -1.99 -10.33 11.06
C LEU B 162 -1.43 -8.93 11.13
N LYS B 163 -0.12 -8.84 11.26
CA LYS B 163 0.52 -7.55 11.41
C LYS B 163 1.62 -7.32 10.40
N SER B 164 1.90 -6.05 10.15
CA SER B 164 2.98 -5.70 9.25
C SER B 164 4.29 -5.94 9.93
N VAL B 165 5.35 -6.03 9.16
CA VAL B 165 6.66 -6.27 9.72
C VAL B 165 7.06 -5.12 10.63
N GLU B 166 6.60 -3.92 10.29
CA GLU B 166 6.90 -2.75 11.10
C GLU B 166 6.15 -2.82 12.42
N GLU B 167 4.92 -3.32 12.38
CA GLU B 167 4.11 -3.47 13.58
C GLU B 167 4.72 -4.55 14.47
N ILE B 168 5.19 -5.61 13.85
CA ILE B 168 5.83 -6.69 14.59
C ILE B 168 7.06 -6.17 15.27
N ALA B 169 7.81 -5.34 14.56
CA ALA B 169 9.02 -4.76 15.11
C ALA B 169 8.68 -3.86 16.27
N LYS B 170 7.54 -3.20 16.18
CA LYS B 170 7.09 -2.31 17.24
C LYS B 170 6.68 -3.09 18.47
N GLU B 171 6.11 -4.27 18.26
CA GLU B 171 5.72 -5.12 19.38
C GLU B 171 6.94 -5.73 20.05
N LEU B 172 7.93 -6.10 19.25
CA LEU B 172 9.14 -6.69 19.80
C LEU B 172 9.94 -5.65 20.56
N HIS B 173 10.02 -4.45 20.02
CA HIS B 173 10.80 -3.40 20.67
C HIS B 173 10.17 -2.96 22.00
N SER B 174 8.89 -3.27 22.18
CA SER B 174 8.22 -2.92 23.42
C SER B 174 8.70 -3.77 24.59
N LEU B 175 9.46 -4.82 24.29
CA LEU B 175 9.98 -5.70 25.32
C LEU B 175 11.28 -5.20 25.92
N ILE B 176 12.04 -4.44 25.16
CA ILE B 176 13.29 -3.93 25.67
C ILE B 176 13.08 -2.52 26.18
N GLN C 1 30.82 17.03 -1.08
CA GLN C 1 30.82 16.15 -2.24
C GLN C 1 29.44 15.56 -2.45
N ALA C 2 28.71 15.44 -1.35
CA ALA C 2 27.36 14.89 -1.35
C ALA C 2 26.38 15.84 -1.99
N VAL C 3 26.69 17.12 -1.92
CA VAL C 3 25.80 18.13 -2.47
C VAL C 3 25.88 18.14 -3.97
N LYS C 4 26.99 17.66 -4.52
CA LYS C 4 27.18 17.69 -5.97
C LYS C 4 26.19 16.77 -6.66
N LYS C 5 25.89 15.65 -6.03
CA LYS C 5 24.97 14.70 -6.64
C LYS C 5 23.56 15.23 -6.51
N VAL C 6 23.30 15.96 -5.44
CA VAL C 6 22.00 16.59 -5.28
C VAL C 6 21.84 17.63 -6.38
N ALA C 7 22.94 18.29 -6.72
CA ALA C 7 22.95 19.25 -7.82
C ALA C 7 22.70 18.56 -9.17
N GLN C 8 23.26 17.36 -9.33
CA GLN C 8 23.06 16.60 -10.56
C GLN C 8 21.61 16.16 -10.70
N GLU C 9 21.02 15.78 -9.57
CA GLU C 9 19.63 15.35 -9.54
C GLU C 9 18.75 16.52 -9.81
N GLN C 10 19.14 17.67 -9.26
CA GLN C 10 18.44 18.92 -9.44
C GLN C 10 18.38 19.29 -10.91
N LYS C 11 19.51 19.17 -11.58
CA LYS C 11 19.56 19.44 -13.01
C LYS C 11 18.73 18.46 -13.82
N ARG C 12 18.72 17.19 -13.41
CA ARG C 12 17.97 16.19 -14.15
C ARG C 12 16.48 16.46 -13.99
N LEU C 13 16.09 16.83 -12.78
CA LEU C 13 14.69 17.10 -12.46
C LEU C 13 14.22 18.32 -13.22
N SER C 14 15.14 19.26 -13.42
CA SER C 14 14.81 20.47 -14.11
C SER C 14 14.62 20.19 -15.60
N ASP C 15 15.51 19.39 -16.18
CA ASP C 15 15.36 19.04 -17.59
C ASP C 15 14.08 18.26 -17.83
N GLU C 16 13.77 17.33 -16.94
CA GLU C 16 12.55 16.56 -17.10
C GLU C 16 11.32 17.44 -17.02
N ARG C 17 11.39 18.44 -16.15
CA ARG C 17 10.25 19.34 -16.01
C ARG C 17 10.08 20.14 -17.28
N THR C 18 11.21 20.51 -17.89
CA THR C 18 11.17 21.30 -19.11
C THR C 18 10.52 20.49 -20.23
N LYS C 19 10.89 19.23 -20.31
CA LYS C 19 10.33 18.36 -21.33
C LYS C 19 8.83 18.19 -21.13
N HIS C 20 8.39 18.10 -19.88
CA HIS C 20 6.97 17.92 -19.63
C HIS C 20 6.14 19.14 -20.04
N GLU C 21 6.61 20.34 -19.68
CA GLU C 21 5.88 21.54 -20.07
C GLU C 21 5.84 21.66 -21.58
N ALA C 22 6.93 21.25 -22.24
CA ALA C 22 6.94 21.32 -23.68
C ALA C 22 5.90 20.37 -24.25
N PHE C 23 5.80 19.18 -23.68
CA PHE C 23 4.87 18.19 -24.18
C PHE C 23 3.43 18.67 -24.09
N ILE C 24 3.04 19.20 -22.93
CA ILE C 24 1.65 19.63 -22.82
C ILE C 24 1.36 20.84 -23.70
N LYS C 25 2.35 21.70 -23.90
CA LYS C 25 2.08 22.85 -24.75
C LYS C 25 1.97 22.43 -26.22
N GLN C 26 2.72 21.41 -26.61
CA GLN C 26 2.71 20.93 -27.98
C GLN C 26 1.42 20.21 -28.29
N SER C 27 0.85 19.59 -27.27
CA SER C 27 -0.38 18.86 -27.50
C SER C 27 -1.53 19.83 -27.54
N LEU C 28 -1.45 20.90 -26.76
CA LEU C 28 -2.52 21.88 -26.86
C LEU C 28 -2.43 22.63 -28.17
N SER C 29 -1.23 22.82 -28.71
CA SER C 29 -1.18 23.53 -29.98
C SER C 29 -1.81 22.65 -31.04
N SER C 30 -1.58 21.34 -30.96
CA SER C 30 -2.19 20.47 -31.96
C SER C 30 -3.69 20.38 -31.69
N MET C 31 -4.10 20.66 -30.47
CA MET C 31 -5.50 20.57 -30.12
C MET C 31 -6.30 21.76 -30.61
N ARG C 32 -5.70 22.95 -30.53
CA ARG C 32 -6.39 24.14 -31.02
C ARG C 32 -6.37 24.16 -32.53
N THR C 33 -5.27 23.69 -33.12
CA THR C 33 -5.15 23.72 -34.57
C THR C 33 -6.24 22.87 -35.21
N THR C 34 -6.59 21.76 -34.58
CA THR C 34 -7.65 20.88 -35.08
C THR C 34 -9.03 21.52 -34.95
N GLU C 43 -20.01 26.15 -31.13
CA GLU C 43 -20.39 25.96 -29.74
C GLU C 43 -20.58 27.31 -29.05
N GLU C 44 -21.65 27.42 -28.27
CA GLU C 44 -21.99 28.70 -27.64
C GLU C 44 -21.05 28.99 -26.48
N TYR C 45 -20.63 27.94 -25.78
CA TYR C 45 -19.75 28.09 -24.64
C TYR C 45 -18.34 27.62 -24.93
N ASP C 46 -17.42 27.98 -24.04
CA ASP C 46 -16.01 27.65 -24.23
C ASP C 46 -15.66 26.32 -23.60
N PHE C 47 -15.86 26.21 -22.28
CA PHE C 47 -15.54 24.99 -21.55
C PHE C 47 -16.67 24.47 -20.69
N PHE C 48 -16.65 23.18 -20.41
CA PHE C 48 -17.48 22.66 -19.33
C PHE C 48 -16.59 21.84 -18.43
N ILE C 49 -16.90 21.80 -17.13
CA ILE C 49 -16.02 21.14 -16.19
C ILE C 49 -16.68 20.11 -15.25
N SER C 50 -16.35 18.83 -15.47
CA SER C 50 -16.84 17.74 -14.64
C SER C 50 -16.00 17.51 -13.39
N HIS C 51 -16.68 17.45 -12.26
CA HIS C 51 -16.04 17.36 -10.96
C HIS C 51 -16.91 16.65 -9.95
N ALA C 52 -16.33 16.38 -8.78
CA ALA C 52 -17.06 15.78 -7.68
C ALA C 52 -17.66 16.85 -6.78
N SER C 53 -18.55 16.44 -5.88
CA SER C 53 -19.23 17.36 -5.00
C SER C 53 -18.23 18.04 -4.07
N GLU C 54 -17.16 17.33 -3.71
CA GLU C 54 -16.18 17.86 -2.78
C GLU C 54 -15.20 18.83 -3.41
N ASP C 55 -14.96 18.70 -4.71
CA ASP C 55 -13.94 19.54 -5.36
C ASP C 55 -14.47 20.89 -5.78
N LYS C 56 -15.80 21.01 -5.82
CA LYS C 56 -16.47 22.19 -6.36
C LYS C 56 -16.12 23.50 -5.71
N GLU C 57 -16.09 23.50 -4.39
CA GLU C 57 -15.84 24.72 -3.64
C GLU C 57 -14.35 24.92 -3.49
N ALA C 58 -13.62 23.83 -3.53
CA ALA C 58 -12.19 23.87 -3.27
C ALA C 58 -11.38 24.39 -4.44
N PHE C 59 -11.50 23.73 -5.59
CA PHE C 59 -10.60 24.04 -6.71
C PHE C 59 -11.29 24.60 -7.94
N VAL C 60 -12.44 24.02 -8.24
CA VAL C 60 -13.21 24.39 -9.41
C VAL C 60 -13.65 25.84 -9.37
N GLN C 61 -14.01 26.30 -8.17
CA GLN C 61 -14.45 27.67 -8.01
C GLN C 61 -13.30 28.61 -8.34
N ASP C 62 -12.10 28.25 -7.92
CA ASP C 62 -10.97 29.10 -8.15
C ASP C 62 -10.59 29.07 -9.62
N LEU C 63 -10.79 27.93 -10.27
CA LEU C 63 -10.41 27.83 -11.66
C LEU C 63 -11.36 28.59 -12.55
N VAL C 64 -12.65 28.50 -12.27
CA VAL C 64 -13.61 29.22 -13.09
C VAL C 64 -13.51 30.71 -12.79
N ALA C 65 -13.07 31.02 -11.58
CA ALA C 65 -12.87 32.41 -11.22
C ALA C 65 -11.68 32.93 -12.00
N ALA C 66 -10.73 32.05 -12.27
CA ALA C 66 -9.55 32.44 -13.02
C ALA C 66 -9.86 32.58 -14.50
N LEU C 67 -10.63 31.65 -15.06
CA LEU C 67 -10.93 31.68 -16.48
C LEU C 67 -11.90 32.76 -16.88
N ARG C 68 -12.90 33.04 -16.05
CA ARG C 68 -13.87 34.07 -16.40
C ARG C 68 -13.24 35.46 -16.44
N ASP C 69 -12.14 35.64 -15.74
CA ASP C 69 -11.44 36.91 -15.80
C ASP C 69 -10.76 37.09 -17.16
N LEU C 70 -10.27 35.98 -17.73
CA LEU C 70 -9.64 36.04 -19.03
C LEU C 70 -10.71 36.16 -20.10
N GLY C 71 -11.97 36.04 -19.71
CA GLY C 71 -13.03 36.25 -20.67
C GLY C 71 -13.56 34.95 -21.23
N ALA C 72 -13.43 33.88 -20.46
CA ALA C 72 -13.93 32.61 -20.91
C ALA C 72 -15.30 32.37 -20.31
N LYS C 73 -16.14 31.67 -21.06
CA LYS C 73 -17.49 31.35 -20.61
C LYS C 73 -17.55 29.90 -20.14
N ILE C 74 -17.79 29.72 -18.85
CA ILE C 74 -17.91 28.42 -18.24
C ILE C 74 -19.18 28.31 -17.40
N PHE C 75 -19.61 27.09 -17.14
CA PHE C 75 -20.70 26.81 -16.24
C PHE C 75 -20.37 25.48 -15.56
N TYR C 76 -20.30 25.52 -14.25
CA TYR C 76 -19.86 24.37 -13.47
C TYR C 76 -20.95 23.82 -12.57
N ASP C 77 -22.03 24.59 -12.41
CA ASP C 77 -23.11 24.17 -11.53
C ASP C 77 -23.83 23.00 -12.18
N ALA C 78 -23.78 22.96 -13.50
CA ALA C 78 -24.46 21.94 -14.26
C ALA C 78 -23.79 20.58 -14.17
N TYR C 79 -22.46 20.57 -14.21
CA TYR C 79 -21.69 19.35 -14.33
C TYR C 79 -21.05 18.80 -13.06
N THR C 80 -21.82 18.77 -11.98
CA THR C 80 -21.40 18.09 -10.76
C THR C 80 -21.74 16.59 -10.75
N LEU C 81 -20.74 15.72 -10.62
CA LEU C 81 -20.98 14.27 -10.68
C LEU C 81 -21.51 13.70 -9.36
N LYS C 82 -22.64 13.00 -9.43
CA LYS C 82 -23.23 12.41 -8.24
C LYS C 82 -22.77 10.97 -8.03
N VAL C 83 -21.98 10.47 -8.97
CA VAL C 83 -21.46 9.11 -8.89
C VAL C 83 -22.57 8.08 -9.04
N GLY C 84 -23.65 8.49 -9.69
CA GLY C 84 -24.78 7.60 -9.91
C GLY C 84 -25.07 7.39 -11.39
N ASP C 85 -24.19 7.91 -12.24
CA ASP C 85 -24.35 7.77 -13.69
C ASP C 85 -23.06 7.65 -14.49
N SER C 86 -23.24 7.32 -15.77
CA SER C 86 -22.15 7.10 -16.73
C SER C 86 -21.38 8.36 -17.02
N LEU C 87 -20.08 8.20 -17.22
CA LEU C 87 -19.18 9.31 -17.47
C LEU C 87 -19.25 9.73 -18.93
N ARG C 88 -19.61 8.78 -19.78
CA ARG C 88 -19.67 8.98 -21.22
C ARG C 88 -20.79 9.92 -21.59
N ARG C 89 -21.94 9.70 -20.99
CA ARG C 89 -23.11 10.48 -21.32
C ARG C 89 -22.97 11.87 -20.73
N LYS C 90 -22.15 11.99 -19.70
CA LYS C 90 -21.93 13.29 -19.09
C LYS C 90 -20.93 14.08 -19.89
N ILE C 91 -19.99 13.43 -20.56
CA ILE C 91 -19.05 14.23 -21.33
C ILE C 91 -19.57 14.53 -22.72
N ASP C 92 -20.45 13.68 -23.26
CA ASP C 92 -20.98 13.99 -24.60
C ASP C 92 -22.02 15.10 -24.59
N GLN C 93 -22.77 15.24 -23.52
CA GLN C 93 -23.75 16.33 -23.49
C GLN C 93 -23.04 17.67 -23.36
N GLY C 94 -21.85 17.65 -22.78
CA GLY C 94 -21.08 18.87 -22.63
C GLY C 94 -20.36 19.20 -23.91
N LEU C 95 -19.95 18.20 -24.67
CA LEU C 95 -19.30 18.50 -25.95
C LEU C 95 -20.32 19.09 -26.92
N ALA C 96 -21.60 18.90 -26.65
CA ALA C 96 -22.64 19.45 -27.48
C ALA C 96 -22.86 20.93 -27.16
N ASN C 97 -22.45 21.34 -25.97
CA ASN C 97 -22.65 22.71 -25.55
C ASN C 97 -21.39 23.55 -25.61
N SER C 98 -20.28 22.91 -25.28
CA SER C 98 -19.01 23.60 -25.23
C SER C 98 -18.04 23.20 -26.31
N LYS C 99 -17.02 24.03 -26.49
CA LYS C 99 -15.96 23.75 -27.41
C LYS C 99 -15.08 22.65 -26.81
N PHE C 100 -14.74 22.82 -25.54
CA PHE C 100 -13.93 21.82 -24.87
C PHE C 100 -14.47 21.41 -23.50
N GLY C 101 -13.85 20.35 -22.97
CA GLY C 101 -14.26 19.80 -21.71
C GLY C 101 -13.12 19.42 -20.80
N ILE C 102 -13.32 19.70 -19.52
CA ILE C 102 -12.33 19.48 -18.49
C ILE C 102 -12.83 18.51 -17.43
N VAL C 103 -11.99 17.55 -17.07
CA VAL C 103 -12.32 16.61 -16.00
C VAL C 103 -11.33 16.76 -14.86
N VAL C 104 -11.81 17.02 -13.66
CA VAL C 104 -10.88 17.20 -12.56
C VAL C 104 -10.60 15.88 -11.88
N LEU C 105 -9.38 15.40 -12.05
CA LEU C 105 -9.03 14.09 -11.55
C LEU C 105 -8.48 14.20 -10.14
N SER C 106 -9.29 13.81 -9.15
CA SER C 106 -8.88 13.87 -7.76
C SER C 106 -9.28 12.64 -6.99
N GLU C 107 -8.91 12.58 -5.71
CA GLU C 107 -9.27 11.46 -4.86
C GLU C 107 -10.78 11.36 -4.75
N HIS C 108 -11.43 12.51 -4.77
CA HIS C 108 -12.87 12.52 -4.66
C HIS C 108 -13.47 12.03 -5.95
N PHE C 109 -12.75 12.20 -7.03
CA PHE C 109 -13.28 11.77 -8.30
C PHE C 109 -13.17 10.26 -8.37
N PHE C 110 -12.05 9.69 -7.94
CA PHE C 110 -11.90 8.25 -8.11
C PHE C 110 -12.69 7.43 -7.08
N SER C 111 -13.13 8.06 -5.99
CA SER C 111 -13.92 7.37 -4.97
C SER C 111 -15.35 7.01 -5.41
N LYS C 112 -15.79 7.58 -6.53
CA LYS C 112 -17.13 7.32 -7.04
C LYS C 112 -17.24 5.91 -7.60
N GLN C 113 -16.09 5.30 -7.86
CA GLN C 113 -16.05 3.93 -8.40
C GLN C 113 -16.72 3.86 -9.77
N TRP C 114 -16.02 4.34 -10.78
CA TRP C 114 -16.54 4.33 -12.15
C TRP C 114 -16.03 3.12 -12.92
N PRO C 115 -16.86 2.59 -13.83
CA PRO C 115 -16.51 1.42 -14.64
C PRO C 115 -15.21 1.63 -15.37
N ALA C 116 -14.42 0.57 -15.44
CA ALA C 116 -13.10 0.62 -16.03
C ALA C 116 -13.14 1.08 -17.47
N ARG C 117 -14.16 0.65 -18.20
CA ARG C 117 -14.27 0.94 -19.61
C ARG C 117 -14.46 2.42 -19.88
N GLU C 118 -15.13 3.10 -18.98
CA GLU C 118 -15.37 4.52 -19.15
C GLU C 118 -14.08 5.31 -18.90
N LEU C 119 -13.34 4.94 -17.87
CA LEU C 119 -12.09 5.63 -17.58
C LEU C 119 -11.08 5.35 -18.68
N ASP C 120 -11.15 4.14 -19.23
CA ASP C 120 -10.29 3.80 -20.34
C ASP C 120 -10.74 4.59 -21.56
N GLY C 121 -12.01 4.98 -21.58
CA GLY C 121 -12.55 5.72 -22.69
C GLY C 121 -12.44 7.23 -22.62
N LEU C 122 -11.89 7.75 -21.53
CA LEU C 122 -11.72 9.19 -21.38
C LEU C 122 -10.72 9.81 -22.34
N THR C 123 -9.68 9.06 -22.68
CA THR C 123 -8.66 9.55 -23.59
C THR C 123 -9.23 9.77 -25.00
N GLN C 130 -7.96 14.62 -33.40
CA GLN C 130 -7.66 15.07 -32.05
C GLN C 130 -8.86 14.92 -31.14
N THR C 131 -8.66 15.21 -29.85
CA THR C 131 -9.69 15.09 -28.86
C THR C 131 -10.02 16.47 -28.30
N ARG C 132 -11.20 16.60 -27.69
CA ARG C 132 -11.67 17.89 -27.19
C ARG C 132 -11.73 17.89 -25.68
N ILE C 133 -11.34 16.77 -25.07
CA ILE C 133 -11.42 16.63 -23.63
C ILE C 133 -10.04 16.73 -22.97
N LEU C 134 -9.97 17.48 -21.87
CA LEU C 134 -8.72 17.69 -21.16
C LEU C 134 -8.84 17.39 -19.68
N PRO C 135 -8.20 16.30 -19.22
CA PRO C 135 -8.17 15.93 -17.81
C PRO C 135 -7.14 16.74 -17.04
N ILE C 136 -7.46 17.11 -15.80
CA ILE C 136 -6.55 17.84 -14.95
C ILE C 136 -6.28 17.09 -13.65
N TRP C 137 -5.03 16.70 -13.43
CA TRP C 137 -4.69 15.98 -12.22
C TRP C 137 -4.64 16.88 -11.01
N HIS C 138 -5.48 16.61 -10.02
CA HIS C 138 -5.48 17.42 -8.81
C HIS C 138 -5.24 16.60 -7.55
N LYS C 139 -4.05 16.75 -6.98
CA LYS C 139 -3.67 16.04 -5.75
C LYS C 139 -3.83 14.53 -5.84
N VAL C 140 -3.17 13.94 -6.82
CA VAL C 140 -3.14 12.49 -6.95
C VAL C 140 -1.72 12.02 -7.20
N SER C 141 -1.46 10.77 -6.87
CA SER C 141 -0.16 10.16 -7.14
C SER C 141 -0.25 9.31 -8.38
N TYR C 142 0.89 9.00 -8.98
CA TYR C 142 0.89 8.21 -10.20
C TYR C 142 0.40 6.80 -9.94
N ASP C 143 0.82 6.22 -8.82
CA ASP C 143 0.44 4.87 -8.48
C ASP C 143 -1.06 4.77 -8.30
N GLU C 144 -1.61 5.82 -7.72
CA GLU C 144 -3.02 5.85 -7.40
C GLU C 144 -3.89 5.92 -8.63
N VAL C 145 -3.48 6.72 -9.60
CA VAL C 145 -4.24 6.80 -10.83
C VAL C 145 -4.05 5.53 -11.62
N ARG C 146 -2.86 4.96 -11.53
CA ARG C 146 -2.56 3.75 -12.25
C ARG C 146 -3.39 2.61 -11.73
N ARG C 147 -3.81 2.68 -10.47
CA ARG C 147 -4.63 1.61 -9.96
C ARG C 147 -6.00 1.57 -10.61
N PHE C 148 -6.64 2.72 -10.74
CA PHE C 148 -7.97 2.80 -11.33
C PHE C 148 -7.98 2.55 -12.84
N SER C 149 -6.97 3.10 -13.52
CA SER C 149 -6.84 2.92 -14.96
C SER C 149 -5.41 3.22 -15.38
N PRO C 150 -4.64 2.18 -15.68
CA PRO C 150 -3.22 2.35 -16.02
C PRO C 150 -3.01 3.15 -17.29
N SER C 151 -3.99 3.12 -18.17
CA SER C 151 -3.90 3.82 -19.44
C SER C 151 -4.05 5.29 -19.25
N LEU C 152 -4.97 5.67 -18.36
CA LEU C 152 -5.22 7.06 -18.07
C LEU C 152 -4.03 7.69 -17.39
N ALA C 153 -3.33 6.90 -16.60
CA ALA C 153 -2.17 7.38 -15.88
C ALA C 153 -0.97 7.46 -16.78
N ASP C 154 -0.92 6.61 -17.80
CA ASP C 154 0.26 6.57 -18.64
C ASP C 154 0.34 7.81 -19.53
N LYS C 155 -0.80 8.26 -20.03
CA LYS C 155 -0.87 9.43 -20.92
C LYS C 155 -0.67 10.74 -20.18
N VAL C 156 -0.41 11.81 -20.93
CA VAL C 156 -0.18 13.13 -20.37
C VAL C 156 -1.45 13.95 -20.12
N ALA C 157 -1.41 14.79 -19.09
CA ALA C 157 -2.51 15.67 -18.74
C ALA C 157 -2.00 16.85 -17.90
N LEU C 158 -2.84 17.84 -17.68
CA LEU C 158 -2.44 18.98 -16.86
C LEU C 158 -2.36 18.63 -15.39
N ASN C 159 -1.41 19.25 -14.69
CA ASN C 159 -1.17 18.95 -13.29
C ASN C 159 -1.25 20.18 -12.40
N THR C 160 -1.91 20.07 -11.26
CA THR C 160 -1.99 21.19 -10.34
C THR C 160 -0.76 21.26 -9.44
N SER C 161 0.11 20.29 -9.61
CA SER C 161 1.34 20.22 -8.83
C SER C 161 2.45 20.94 -9.59
N LEU C 162 2.21 21.15 -10.87
CA LEU C 162 3.23 21.74 -11.72
C LEU C 162 3.01 23.22 -11.97
N LYS C 163 1.74 23.61 -12.13
CA LYS C 163 1.42 25.00 -12.43
C LYS C 163 0.39 25.56 -11.46
N SER C 164 0.37 26.88 -11.36
CA SER C 164 -0.63 27.56 -10.56
C SER C 164 -1.97 27.59 -11.30
N VAL C 165 -3.04 27.85 -10.56
CA VAL C 165 -4.37 27.90 -11.14
C VAL C 165 -4.50 28.96 -12.22
N GLU C 166 -3.79 30.06 -12.04
CA GLU C 166 -3.84 31.15 -13.01
C GLU C 166 -3.09 30.81 -14.29
N GLU C 167 -1.95 30.14 -14.15
CA GLU C 167 -1.16 29.74 -15.31
C GLU C 167 -1.92 28.69 -16.09
N ILE C 168 -2.57 27.80 -15.37
CA ILE C 168 -3.38 26.76 -16.00
C ILE C 168 -4.48 27.42 -16.77
N ALA C 169 -5.07 28.46 -16.21
CA ALA C 169 -6.13 29.16 -16.90
C ALA C 169 -5.62 29.82 -18.18
N LYS C 170 -4.40 30.33 -18.16
CA LYS C 170 -3.89 30.94 -19.38
C LYS C 170 -3.63 29.89 -20.44
N GLU C 171 -3.16 28.73 -19.98
CA GLU C 171 -2.81 27.64 -20.87
C GLU C 171 -4.06 27.11 -21.54
N LEU C 172 -5.14 27.06 -20.78
CA LEU C 172 -6.41 26.62 -21.33
C LEU C 172 -6.93 27.66 -22.30
N HIS C 173 -6.76 28.92 -21.95
CA HIS C 173 -7.28 29.99 -22.78
C HIS C 173 -6.56 30.00 -24.12
N SER C 174 -5.39 29.38 -24.19
CA SER C 174 -4.70 29.29 -25.48
C SER C 174 -5.41 28.41 -26.51
N LEU C 175 -6.42 27.69 -26.07
CA LEU C 175 -7.18 26.79 -26.94
C LEU C 175 -8.26 27.52 -27.73
N ILE C 176 -8.65 28.67 -27.23
CA ILE C 176 -9.70 29.46 -27.84
C ILE C 176 -9.14 30.51 -28.81
N GLU D 42 -29.45 -17.24 -4.93
CA GLU D 42 -30.44 -18.22 -4.51
C GLU D 42 -30.40 -19.44 -5.41
N GLU D 43 -29.32 -19.54 -6.19
CA GLU D 43 -29.16 -20.65 -7.11
C GLU D 43 -28.99 -21.95 -6.33
N GLU D 44 -29.09 -23.06 -7.03
CA GLU D 44 -29.07 -24.37 -6.40
C GLU D 44 -27.75 -24.66 -5.72
N TYR D 45 -26.64 -24.28 -6.34
CA TYR D 45 -25.38 -24.54 -5.69
C TYR D 45 -25.08 -23.42 -4.71
N ASP D 46 -24.36 -23.76 -3.65
CA ASP D 46 -24.09 -22.82 -2.58
C ASP D 46 -22.91 -21.88 -2.76
N PHE D 47 -21.73 -22.45 -2.93
CA PHE D 47 -20.52 -21.66 -3.06
C PHE D 47 -19.82 -22.00 -4.36
N PHE D 48 -18.97 -21.09 -4.82
CA PHE D 48 -18.00 -21.45 -5.86
C PHE D 48 -16.63 -20.96 -5.44
N ILE D 49 -15.60 -21.74 -5.73
CA ILE D 49 -14.29 -21.40 -5.20
C ILE D 49 -13.16 -21.29 -6.22
N SER D 50 -12.72 -20.05 -6.43
CA SER D 50 -11.61 -19.71 -7.31
C SER D 50 -10.26 -19.84 -6.61
N HIS D 51 -9.26 -20.23 -7.38
CA HIS D 51 -7.99 -20.58 -6.81
C HIS D 51 -6.92 -20.68 -7.89
N ALA D 52 -5.67 -20.78 -7.45
CA ALA D 52 -4.56 -20.98 -8.35
C ALA D 52 -4.43 -22.44 -8.76
N SER D 53 -3.70 -22.69 -9.83
CA SER D 53 -3.53 -24.03 -10.34
C SER D 53 -2.68 -24.88 -9.41
N GLU D 54 -1.88 -24.23 -8.57
CA GLU D 54 -0.97 -24.95 -7.68
C GLU D 54 -1.60 -25.42 -6.39
N ASP D 55 -2.59 -24.67 -5.91
CA ASP D 55 -3.20 -24.95 -4.62
C ASP D 55 -4.36 -25.92 -4.70
N LYS D 56 -4.62 -26.42 -5.89
CA LYS D 56 -5.80 -27.25 -6.13
C LYS D 56 -5.76 -28.58 -5.40
N GLU D 57 -4.57 -29.15 -5.26
CA GLU D 57 -4.46 -30.46 -4.62
C GLU D 57 -4.09 -30.41 -3.14
N ALA D 58 -3.50 -29.29 -2.72
CA ALA D 58 -2.98 -29.18 -1.36
C ALA D 58 -4.02 -28.72 -0.34
N PHE D 59 -4.80 -27.71 -0.68
CA PHE D 59 -5.73 -27.13 0.27
C PHE D 59 -7.16 -27.09 -0.20
N VAL D 60 -7.35 -26.80 -1.48
CA VAL D 60 -8.68 -26.65 -2.02
C VAL D 60 -9.42 -27.97 -1.95
N GLN D 61 -8.71 -29.04 -2.26
CA GLN D 61 -9.27 -30.37 -2.23
C GLN D 61 -9.68 -30.75 -0.80
N ASP D 62 -9.01 -30.16 0.18
CA ASP D 62 -9.36 -30.39 1.57
C ASP D 62 -10.65 -29.67 1.92
N LEU D 63 -10.73 -28.42 1.49
CA LEU D 63 -11.85 -27.56 1.83
C LEU D 63 -13.13 -27.98 1.16
N VAL D 64 -13.04 -28.43 -0.09
CA VAL D 64 -14.24 -28.86 -0.78
C VAL D 64 -14.80 -30.12 -0.15
N ALA D 65 -13.91 -30.95 0.39
CA ALA D 65 -14.34 -32.18 1.03
C ALA D 65 -15.02 -31.82 2.32
N ALA D 66 -14.42 -30.89 3.05
CA ALA D 66 -14.98 -30.49 4.31
C ALA D 66 -16.35 -29.84 4.10
N LEU D 67 -16.49 -29.11 3.01
CA LEU D 67 -17.74 -28.43 2.72
C LEU D 67 -18.81 -29.34 2.13
N ARG D 68 -18.40 -30.45 1.55
CA ARG D 68 -19.35 -31.41 1.00
C ARG D 68 -19.88 -32.37 2.05
N ASP D 69 -19.04 -32.66 3.04
CA ASP D 69 -19.42 -33.55 4.13
C ASP D 69 -20.37 -32.88 5.13
N LEU D 70 -20.48 -31.56 5.03
CA LEU D 70 -21.38 -30.77 5.86
C LEU D 70 -22.69 -30.50 5.16
N GLY D 71 -22.80 -31.05 3.96
CA GLY D 71 -24.02 -31.02 3.17
C GLY D 71 -24.19 -29.94 2.14
N ALA D 72 -23.24 -29.03 2.05
CA ALA D 72 -23.37 -27.94 1.10
C ALA D 72 -22.81 -28.41 -0.21
N LYS D 73 -23.44 -27.96 -1.29
CA LYS D 73 -23.04 -28.36 -2.63
C LYS D 73 -22.26 -27.27 -3.34
N ILE D 74 -20.99 -27.54 -3.66
CA ILE D 74 -20.12 -26.57 -4.32
C ILE D 74 -19.37 -27.13 -5.52
N PHE D 75 -18.82 -26.25 -6.36
CA PHE D 75 -18.00 -26.69 -7.49
C PHE D 75 -16.77 -25.82 -7.70
N TYR D 76 -15.64 -26.46 -7.97
CA TYR D 76 -14.37 -25.78 -7.98
C TYR D 76 -13.56 -25.98 -9.25
N ASP D 77 -13.75 -27.10 -9.91
CA ASP D 77 -12.93 -27.43 -11.07
C ASP D 77 -13.09 -26.46 -12.22
N ALA D 78 -14.25 -25.83 -12.29
CA ALA D 78 -14.51 -24.89 -13.37
C ALA D 78 -13.87 -23.54 -13.10
N TYR D 79 -13.45 -23.32 -11.86
CA TYR D 79 -12.94 -22.01 -11.44
C TYR D 79 -11.50 -21.98 -11.03
N THR D 80 -10.70 -22.82 -11.66
CA THR D 80 -9.27 -22.74 -11.49
C THR D 80 -8.76 -21.64 -12.40
N LEU D 81 -7.94 -20.74 -11.86
CA LEU D 81 -7.52 -19.56 -12.60
C LEU D 81 -6.18 -19.75 -13.29
N LYS D 82 -6.16 -19.41 -14.57
CA LYS D 82 -4.94 -19.37 -15.36
C LYS D 82 -4.40 -17.97 -15.55
N VAL D 83 -3.12 -17.88 -15.85
CA VAL D 83 -2.53 -16.57 -16.09
C VAL D 83 -3.14 -16.02 -17.38
N GLY D 84 -3.76 -14.85 -17.29
CA GLY D 84 -4.38 -14.24 -18.45
C GLY D 84 -5.87 -14.08 -18.23
N ASP D 85 -6.40 -14.85 -17.28
CA ASP D 85 -7.82 -14.82 -16.99
C ASP D 85 -8.25 -13.45 -16.49
N SER D 86 -9.55 -13.18 -16.58
CA SER D 86 -10.15 -11.95 -16.04
C SER D 86 -10.89 -12.26 -14.74
N LEU D 87 -10.35 -11.77 -13.64
CA LEU D 87 -10.87 -12.09 -12.33
C LEU D 87 -12.33 -11.64 -12.17
N ARG D 88 -12.67 -10.52 -12.78
CA ARG D 88 -14.00 -9.97 -12.67
C ARG D 88 -15.00 -10.80 -13.44
N ARG D 89 -14.55 -11.28 -14.59
CA ARG D 89 -15.41 -12.05 -15.45
C ARG D 89 -15.59 -13.42 -14.87
N LYS D 90 -14.56 -13.92 -14.21
CA LYS D 90 -14.67 -15.24 -13.63
C LYS D 90 -15.51 -15.21 -12.38
N ILE D 91 -15.48 -14.11 -11.65
CA ILE D 91 -16.30 -14.10 -10.45
C ILE D 91 -17.77 -13.77 -10.69
N ASP D 92 -18.12 -12.90 -11.63
CA ASP D 92 -19.56 -12.64 -11.74
C ASP D 92 -20.31 -13.81 -12.37
N GLN D 93 -19.65 -14.56 -13.24
CA GLN D 93 -20.29 -15.70 -13.86
C GLN D 93 -20.54 -16.74 -12.80
N GLY D 94 -19.70 -16.72 -11.76
CA GLY D 94 -19.85 -17.64 -10.66
C GLY D 94 -20.93 -17.15 -9.72
N LEU D 95 -21.00 -15.83 -9.55
CA LEU D 95 -21.98 -15.22 -8.67
C LEU D 95 -23.37 -15.29 -9.27
N ALA D 96 -23.43 -15.78 -10.51
CA ALA D 96 -24.69 -15.93 -11.19
C ALA D 96 -25.25 -17.32 -10.89
N ASN D 97 -24.33 -18.27 -10.69
CA ASN D 97 -24.71 -19.64 -10.42
C ASN D 97 -24.60 -20.06 -8.97
N SER D 98 -24.24 -19.13 -8.09
CA SER D 98 -24.10 -19.46 -6.68
C SER D 98 -24.43 -18.30 -5.77
N LYS D 99 -24.51 -18.58 -4.48
CA LYS D 99 -24.85 -17.56 -3.51
C LYS D 99 -23.60 -16.82 -3.09
N PHE D 100 -22.56 -17.58 -2.74
CA PHE D 100 -21.31 -16.96 -2.35
C PHE D 100 -20.11 -17.49 -3.13
N GLY D 101 -19.04 -16.71 -3.10
CA GLY D 101 -17.81 -17.05 -3.79
C GLY D 101 -16.61 -16.96 -2.88
N ILE D 102 -15.67 -17.87 -3.07
CA ILE D 102 -14.48 -17.99 -2.25
C ILE D 102 -13.25 -17.78 -3.10
N VAL D 103 -12.37 -16.90 -2.66
CA VAL D 103 -11.14 -16.67 -3.39
C VAL D 103 -9.97 -17.07 -2.53
N VAL D 104 -9.18 -18.02 -3.02
CA VAL D 104 -8.07 -18.50 -2.23
C VAL D 104 -6.82 -17.66 -2.47
N LEU D 105 -6.59 -16.70 -1.58
CA LEU D 105 -5.47 -15.81 -1.68
C LEU D 105 -4.19 -16.46 -1.21
N SER D 106 -3.39 -16.91 -2.17
CA SER D 106 -2.12 -17.55 -1.86
C SER D 106 -1.00 -16.91 -2.65
N GLU D 107 0.23 -17.33 -2.38
CA GLU D 107 1.39 -16.79 -3.07
C GLU D 107 1.28 -17.07 -4.56
N HIS D 108 0.73 -18.22 -4.89
CA HIS D 108 0.58 -18.64 -6.27
C HIS D 108 -0.55 -17.87 -6.95
N PHE D 109 -1.52 -17.44 -6.15
CA PHE D 109 -2.60 -16.63 -6.67
C PHE D 109 -2.11 -15.27 -7.07
N PHE D 110 -1.22 -14.71 -6.26
CA PHE D 110 -0.71 -13.39 -6.53
C PHE D 110 0.34 -13.42 -7.62
N SER D 111 0.99 -14.56 -7.78
CA SER D 111 2.02 -14.72 -8.80
C SER D 111 1.46 -14.59 -10.20
N LYS D 112 0.16 -14.77 -10.36
CA LYS D 112 -0.49 -14.61 -11.66
C LYS D 112 -0.56 -13.16 -12.11
N GLN D 113 -0.08 -12.25 -11.26
CA GLN D 113 -0.06 -10.82 -11.53
C GLN D 113 -1.37 -10.30 -12.06
N TRP D 114 -2.37 -10.25 -11.20
CA TRP D 114 -3.65 -9.67 -11.57
C TRP D 114 -3.52 -8.17 -11.58
N PRO D 115 -4.36 -7.49 -12.36
CA PRO D 115 -4.41 -6.03 -12.33
C PRO D 115 -4.79 -5.52 -10.95
N ALA D 116 -4.32 -4.33 -10.59
CA ALA D 116 -4.54 -3.81 -9.26
C ALA D 116 -5.99 -3.44 -9.08
N ARG D 117 -6.60 -2.94 -10.14
CA ARG D 117 -7.99 -2.53 -10.08
C ARG D 117 -8.94 -3.69 -9.83
N GLU D 118 -8.46 -4.90 -10.11
CA GLU D 118 -9.29 -6.08 -10.02
C GLU D 118 -9.17 -6.79 -8.68
N LEU D 119 -8.10 -6.51 -7.95
CA LEU D 119 -7.96 -7.06 -6.61
C LEU D 119 -8.74 -6.18 -5.66
N ASP D 120 -8.68 -4.88 -5.92
CA ASP D 120 -9.39 -3.91 -5.13
C ASP D 120 -10.89 -4.05 -5.33
N GLY D 121 -11.29 -4.84 -6.32
CA GLY D 121 -12.69 -5.01 -6.63
C GLY D 121 -13.35 -6.19 -6.00
N LEU D 122 -12.56 -7.07 -5.39
CA LEU D 122 -13.11 -8.20 -4.68
C LEU D 122 -13.84 -7.66 -3.48
N THR D 123 -13.24 -6.65 -2.87
CA THR D 123 -13.78 -6.00 -1.70
C THR D 123 -15.08 -5.31 -2.04
N ALA D 124 -15.18 -4.90 -3.30
CA ALA D 124 -16.33 -4.18 -3.84
C ALA D 124 -16.60 -2.87 -3.12
N GLN D 130 -22.59 -3.70 -0.87
CA GLN D 130 -22.88 -5.10 -0.59
C GLN D 130 -21.87 -6.03 -1.26
N THR D 131 -21.40 -7.03 -0.53
CA THR D 131 -20.42 -7.98 -1.05
C THR D 131 -20.83 -9.44 -0.88
N ARG D 132 -20.75 -10.21 -1.96
CA ARG D 132 -21.12 -11.63 -1.93
C ARG D 132 -19.90 -12.53 -2.06
N ILE D 133 -18.71 -11.96 -1.89
CA ILE D 133 -17.47 -12.70 -2.04
C ILE D 133 -16.77 -12.91 -0.70
N LEU D 134 -16.15 -14.06 -0.52
CA LEU D 134 -15.47 -14.37 0.71
C LEU D 134 -14.04 -14.81 0.45
N PRO D 135 -13.09 -13.93 0.75
CA PRO D 135 -11.67 -14.24 0.56
C PRO D 135 -11.08 -15.10 1.68
N ILE D 136 -10.11 -15.94 1.33
CA ILE D 136 -9.40 -16.77 2.29
C ILE D 136 -7.88 -16.67 2.14
N TRP D 137 -7.19 -16.24 3.18
CA TRP D 137 -5.74 -16.12 3.18
C TRP D 137 -5.05 -17.45 3.48
N HIS D 138 -4.18 -17.89 2.60
CA HIS D 138 -3.49 -19.15 2.80
C HIS D 138 -1.99 -19.01 2.56
N LYS D 139 -1.22 -19.14 3.64
CA LYS D 139 0.24 -19.03 3.61
C LYS D 139 0.74 -17.75 2.94
N VAL D 140 0.25 -16.62 3.44
CA VAL D 140 0.65 -15.29 3.00
C VAL D 140 0.84 -14.33 4.16
N SER D 141 1.76 -13.38 3.99
CA SER D 141 2.04 -12.37 5.00
C SER D 141 1.30 -11.09 4.68
N TYR D 142 1.10 -10.24 5.69
CA TYR D 142 0.39 -8.99 5.52
C TYR D 142 1.05 -8.14 4.45
N ASP D 143 2.36 -7.99 4.54
CA ASP D 143 3.09 -7.16 3.61
C ASP D 143 2.98 -7.70 2.20
N GLU D 144 2.88 -9.01 2.07
CA GLU D 144 2.85 -9.63 0.76
C GLU D 144 1.50 -9.47 0.08
N VAL D 145 0.47 -9.22 0.87
CA VAL D 145 -0.82 -8.89 0.30
C VAL D 145 -0.89 -7.42 0.01
N ARG D 146 -0.37 -6.63 0.94
CA ARG D 146 -0.39 -5.19 0.78
C ARG D 146 0.42 -4.76 -0.43
N ARG D 147 1.43 -5.53 -0.79
CA ARG D 147 2.20 -5.20 -2.00
C ARG D 147 1.41 -5.33 -3.28
N PHE D 148 0.45 -6.23 -3.32
CA PHE D 148 -0.36 -6.39 -4.51
C PHE D 148 -1.62 -5.55 -4.41
N SER D 149 -2.15 -5.45 -3.20
CA SER D 149 -3.34 -4.65 -2.97
C SER D 149 -3.46 -4.32 -1.49
N PRO D 150 -3.16 -3.06 -1.12
CA PRO D 150 -3.25 -2.64 0.27
C PRO D 150 -4.67 -2.64 0.79
N SER D 151 -5.61 -2.35 -0.09
CA SER D 151 -7.01 -2.29 0.29
C SER D 151 -7.54 -3.67 0.62
N LEU D 152 -6.99 -4.67 -0.05
CA LEU D 152 -7.38 -6.04 0.20
C LEU D 152 -6.70 -6.57 1.45
N ALA D 153 -5.56 -5.99 1.78
CA ALA D 153 -4.80 -6.42 2.94
C ALA D 153 -5.42 -5.86 4.20
N ASP D 154 -6.02 -4.69 4.09
CA ASP D 154 -6.63 -4.08 5.25
C ASP D 154 -7.97 -4.74 5.58
N LYS D 155 -8.61 -5.28 4.55
CA LYS D 155 -9.87 -6.00 4.70
C LYS D 155 -9.67 -7.31 5.44
N VAL D 156 -10.37 -7.49 6.55
CA VAL D 156 -10.23 -8.72 7.33
C VAL D 156 -10.96 -9.88 6.65
N ALA D 157 -10.37 -11.07 6.71
CA ALA D 157 -10.91 -12.25 6.05
C ALA D 157 -10.54 -13.52 6.80
N LEU D 158 -10.97 -14.66 6.28
CA LEU D 158 -10.62 -15.94 6.87
C LEU D 158 -9.13 -16.23 6.69
N ASN D 159 -8.51 -16.71 7.76
CA ASN D 159 -7.09 -16.98 7.76
C ASN D 159 -6.77 -18.39 8.20
N THR D 160 -6.09 -19.14 7.34
CA THR D 160 -5.79 -20.54 7.62
C THR D 160 -4.73 -20.69 8.69
N SER D 161 -4.14 -19.58 9.10
CA SER D 161 -3.14 -19.61 10.16
C SER D 161 -3.81 -19.53 11.51
N LEU D 162 -5.10 -19.26 11.51
CA LEU D 162 -5.85 -19.12 12.75
C LEU D 162 -6.77 -20.31 12.97
N LYS D 163 -7.39 -20.78 11.89
CA LYS D 163 -8.35 -21.87 11.94
C LYS D 163 -7.95 -23.09 11.13
N SER D 164 -8.56 -24.22 11.45
CA SER D 164 -8.36 -25.45 10.71
C SER D 164 -9.32 -25.53 9.55
N VAL D 165 -9.08 -26.48 8.64
CA VAL D 165 -9.94 -26.65 7.48
C VAL D 165 -11.37 -26.90 7.89
N GLU D 166 -11.54 -27.65 8.96
CA GLU D 166 -12.87 -27.96 9.43
C GLU D 166 -13.55 -26.74 10.03
N GLU D 167 -12.76 -25.87 10.65
CA GLU D 167 -13.30 -24.69 11.31
C GLU D 167 -13.75 -23.69 10.26
N ILE D 168 -12.96 -23.57 9.20
CA ILE D 168 -13.28 -22.70 8.10
C ILE D 168 -14.51 -23.21 7.42
N ALA D 169 -14.63 -24.53 7.34
CA ALA D 169 -15.79 -25.13 6.72
C ALA D 169 -17.04 -24.77 7.48
N LYS D 170 -17.01 -24.86 8.80
CA LYS D 170 -18.19 -24.50 9.57
C LYS D 170 -18.50 -23.01 9.44
N GLU D 171 -17.44 -22.21 9.34
CA GLU D 171 -17.63 -20.77 9.26
C GLU D 171 -18.19 -20.34 7.93
N LEU D 172 -17.94 -21.12 6.89
CA LEU D 172 -18.54 -20.83 5.60
C LEU D 172 -19.96 -21.38 5.56
N HIS D 173 -20.17 -22.49 6.25
CA HIS D 173 -21.49 -23.11 6.31
C HIS D 173 -22.47 -22.21 7.05
N SER D 174 -21.96 -21.30 7.85
CA SER D 174 -22.81 -20.37 8.57
C SER D 174 -23.49 -19.34 7.67
N LEU D 175 -22.96 -19.15 6.47
CA LEU D 175 -23.61 -18.23 5.52
C LEU D 175 -24.68 -18.96 4.73
N ILE D 176 -24.83 -20.24 5.03
CA ILE D 176 -25.74 -21.19 4.36
C ILE D 176 -25.53 -21.27 2.84
#